data_3IJ2
#
_entry.id   3IJ2
#
_cell.length_a   145.406
_cell.length_b   145.406
_cell.length_c   114.252
_cell.angle_alpha   90.00
_cell.angle_beta   90.00
_cell.angle_gamma   120.00
#
_symmetry.space_group_name_H-M   'P 32 2 1'
#
loop_
_entity.id
_entity.type
_entity.pdbx_description
1 polymer 'Beta-nerve growth factor'
2 polymer 'Nerve growth factor receptor (TNFR superfamily, member 16)'
#
loop_
_entity_poly.entity_id
_entity_poly.type
_entity_poly.pdbx_seq_one_letter_code
_entity_poly.pdbx_strand_id
1 'polypeptide(L)'
;EPYTDSNVPEGDSVPEAHWTKLQHSLDTALAAARSAPTAPIAARVTGQTRNITVDPRLFKAARLHSPRVLFSTQPPPTSS
DTLDLDFQAHGTIPFNRTHRSAASSTHPVFHMGEFSVCDSVSVWVGDKTTATDIKGKEVTVLAEVNINNSVFRQYFFETK
CRASNPVESGCRGIDSKHWNSYCTTTHTFVKALTTDEKQAAWRFIRIDTACVCVLSRKATAAGHHHHHHH
;
A,B
2 'polypeptide(L)'
;ADPKETCSTGLYTHSGECCKACNLGEGVAQPCGADQTVCEPCLDSVTFSDVVSATEPCKPCTECLGLQSMSAPCVEADDA
VCRCAYGYYQDEETGHCEACSVCEVGSGLVFSCQDKQNTVCEECPEGTYSDEANHVDPCLPCTVCEDTERQLRECTPWAD
AECEHHHHHHH
;
X,Y
#
# COMPACT_ATOMS: atom_id res chain seq x y z
N HIS A 111 7.09 -5.65 -16.58
CA HIS A 111 7.55 -4.28 -16.81
C HIS A 111 8.66 -4.17 -17.91
N MET A 112 8.30 -4.19 -19.24
CA MET A 112 9.12 -4.81 -20.10
C MET A 112 9.66 -3.93 -21.16
N GLY A 113 9.51 -2.62 -20.98
CA GLY A 113 9.35 -1.70 -22.09
C GLY A 113 7.94 -1.15 -21.89
N GLU A 114 7.55 -1.20 -20.62
CA GLU A 114 6.28 -0.71 -20.13
C GLU A 114 6.60 0.43 -19.19
N PHE A 115 5.70 1.39 -19.09
CA PHE A 115 5.97 2.60 -18.37
C PHE A 115 4.80 3.06 -17.50
N SER A 116 5.09 3.33 -16.24
CA SER A 116 4.10 3.91 -15.34
C SER A 116 3.55 5.22 -15.87
N VAL A 117 2.41 5.60 -15.31
CA VAL A 117 1.74 6.85 -15.68
C VAL A 117 2.02 7.94 -14.62
N CYS A 118 2.41 7.45 -13.45
CA CYS A 118 2.84 8.29 -12.36
C CYS A 118 4.11 7.65 -11.86
N ASP A 119 5.23 8.34 -11.93
CA ASP A 119 6.45 7.70 -11.54
C ASP A 119 6.43 7.70 -10.04
N SER A 120 7.05 6.72 -9.43
CA SER A 120 6.96 6.56 -8.00
C SER A 120 8.27 6.11 -7.42
N VAL A 121 8.51 6.52 -6.19
CA VAL A 121 9.73 6.11 -5.53
C VAL A 121 9.38 5.56 -4.17
N SER A 122 9.77 4.29 -3.97
CA SER A 122 9.50 3.56 -2.74
C SER A 122 10.81 3.39 -1.95
N VAL A 123 10.70 3.38 -0.63
CA VAL A 123 11.87 3.30 0.25
C VAL A 123 11.50 2.74 1.62
N TRP A 124 12.47 2.14 2.30
CA TRP A 124 12.26 1.63 3.64
C TRP A 124 12.47 2.68 4.75
N VAL A 125 11.50 2.84 5.61
CA VAL A 125 11.51 3.98 6.50
C VAL A 125 11.61 3.52 7.94
N GLY A 126 12.84 3.30 8.39
CA GLY A 126 13.09 2.96 9.79
C GLY A 126 12.97 4.17 10.71
N ASP A 127 13.46 5.31 10.22
CA ASP A 127 13.43 6.53 10.99
C ASP A 127 12.09 7.24 10.89
N LYS A 128 11.04 6.63 11.43
CA LYS A 128 9.72 7.28 11.34
C LYS A 128 9.22 7.64 12.71
N THR A 129 8.80 8.88 12.87
CA THR A 129 8.66 9.44 14.20
C THR A 129 7.34 10.16 14.36
N THR A 130 6.68 10.36 13.24
CA THR A 130 5.35 10.96 13.21
C THR A 130 4.44 10.27 12.19
N ALA A 131 3.13 10.24 12.48
CA ALA A 131 2.18 9.68 11.53
C ALA A 131 0.75 10.14 11.83
N THR A 132 -0.22 9.60 11.10
CA THR A 132 -1.58 10.00 11.36
C THR A 132 -2.51 8.83 11.69
N ASP A 133 -3.10 8.88 12.88
CA ASP A 133 -4.05 7.88 13.34
C ASP A 133 -5.00 7.58 12.20
N ILE A 134 -5.33 6.31 12.02
CA ILE A 134 -6.38 5.97 11.08
C ILE A 134 -7.63 6.80 11.39
N LYS A 135 -7.96 6.94 12.67
CA LYS A 135 -9.09 7.76 13.12
C LYS A 135 -8.97 9.16 12.55
N GLY A 136 -7.73 9.53 12.22
CA GLY A 136 -7.45 10.83 11.65
C GLY A 136 -6.62 11.64 12.61
N LYS A 137 -6.22 11.01 13.70
CA LYS A 137 -5.58 11.73 14.80
C LYS A 137 -4.05 11.73 14.68
N GLU A 138 -3.47 12.86 14.33
CA GLU A 138 -2.03 13.02 14.36
C GLU A 138 -1.43 12.26 15.55
N VAL A 139 -0.27 11.66 15.35
CA VAL A 139 0.38 10.91 16.43
C VAL A 139 1.85 10.63 16.15
N THR A 140 2.55 10.10 17.14
CA THR A 140 3.98 9.86 17.01
C THR A 140 4.38 8.39 17.13
N VAL A 141 5.49 8.06 16.50
CA VAL A 141 5.99 6.70 16.48
C VAL A 141 7.22 6.57 17.35
N LEU A 142 7.75 5.37 17.45
CA LEU A 142 8.98 5.14 18.21
C LEU A 142 10.14 4.87 17.26
N ALA A 143 11.37 5.17 17.70
CA ALA A 143 12.53 4.99 16.86
C ALA A 143 13.67 4.26 17.55
N GLU A 144 14.56 5.02 18.17
CA GLU A 144 15.69 4.45 18.90
C GLU A 144 15.22 3.42 19.93
N VAL A 145 14.31 3.84 20.79
CA VAL A 145 13.75 2.98 21.85
C VAL A 145 14.79 2.05 22.47
N ASN A 146 15.89 2.63 22.96
CA ASN A 146 16.96 1.86 23.61
C ASN A 146 16.54 1.26 24.96
N ILE A 147 15.36 0.65 24.99
CA ILE A 147 14.88 -0.13 26.13
C ILE A 147 15.46 -1.55 26.04
N ASN A 148 16.45 -1.84 26.90
CA ASN A 148 17.10 -3.16 26.97
C ASN A 148 18.47 -3.24 26.27
N ASN A 149 19.08 -2.08 26.02
CA ASN A 149 20.35 -1.98 25.28
C ASN A 149 20.24 -2.26 23.79
N SER A 150 19.01 -2.53 23.34
CA SER A 150 18.74 -2.84 21.93
C SER A 150 18.43 -1.56 21.15
N VAL A 151 17.97 -1.74 19.91
CA VAL A 151 17.52 -0.60 19.10
C VAL A 151 16.09 -0.81 18.58
N PHE A 152 15.58 -2.04 18.72
CA PHE A 152 14.27 -2.37 18.17
C PHE A 152 14.10 -1.77 16.78
N ARG A 153 13.15 -0.85 16.68
CA ARG A 153 12.82 -0.14 15.44
C ARG A 153 11.59 -0.69 14.72
N GLN A 154 10.86 0.23 14.08
CA GLN A 154 9.73 -0.12 13.27
C GLN A 154 9.99 0.34 11.85
N TYR A 155 10.01 -0.59 10.90
CA TYR A 155 10.20 -0.23 9.50
C TYR A 155 8.87 -0.17 8.77
N PHE A 156 8.81 0.67 7.75
CA PHE A 156 7.65 0.76 6.88
C PHE A 156 8.11 0.90 5.45
N PHE A 157 7.25 0.53 4.51
CA PHE A 157 7.62 0.63 3.12
C PHE A 157 6.74 1.72 2.54
N GLU A 158 7.35 2.91 2.41
CA GLU A 158 6.64 4.09 1.90
C GLU A 158 6.84 4.25 0.42
N THR A 159 5.81 4.69 -0.27
CA THR A 159 5.92 5.07 -1.66
C THR A 159 5.19 6.36 -1.96
N LYS A 160 5.86 7.25 -2.70
CA LYS A 160 5.30 8.54 -3.07
C LYS A 160 5.61 8.90 -4.51
N CYS A 161 5.15 10.08 -4.91
CA CYS A 161 5.26 10.52 -6.29
C CYS A 161 6.55 11.19 -6.65
N ARG A 162 7.17 10.79 -7.75
CA ARG A 162 8.22 11.60 -8.33
C ARG A 162 7.71 13.05 -8.38
N ALA A 163 6.48 13.25 -8.86
CA ALA A 163 5.90 14.58 -8.90
C ALA A 163 4.42 14.56 -9.29
N SER A 164 3.74 15.70 -9.16
CA SER A 164 2.34 15.80 -9.52
C SER A 164 2.20 15.61 -11.01
N ASN A 165 2.92 16.42 -11.76
CA ASN A 165 2.78 16.42 -13.21
C ASN A 165 4.01 15.97 -13.90
N PRO A 166 4.17 14.66 -14.08
CA PRO A 166 5.31 14.07 -14.78
C PRO A 166 5.38 14.48 -16.25
N VAL A 167 4.28 15.10 -16.73
CA VAL A 167 4.26 15.86 -18.00
C VAL A 167 3.54 17.25 -17.85
N GLU A 168 3.67 18.15 -18.81
CA GLU A 168 3.00 19.45 -18.68
C GLU A 168 1.50 19.24 -18.61
N SER A 169 1.03 18.18 -19.26
CA SER A 169 -0.39 17.85 -19.31
C SER A 169 -0.89 17.13 -18.06
N GLY A 170 0.03 16.62 -17.26
CA GLY A 170 -0.35 15.83 -16.10
C GLY A 170 0.27 14.43 -16.09
N CYS A 171 -0.56 13.40 -15.96
CA CYS A 171 -0.07 12.03 -15.86
C CYS A 171 0.45 11.65 -17.20
N ARG A 172 1.29 10.61 -17.21
CA ARG A 172 1.99 10.23 -18.43
C ARG A 172 1.14 9.45 -19.39
N GLY A 173 0.67 10.13 -20.43
CA GLY A 173 0.03 9.45 -21.53
C GLY A 173 -1.45 9.26 -21.37
N ILE A 174 -2.11 10.16 -20.64
CA ILE A 174 -3.58 10.21 -20.70
C ILE A 174 -3.96 10.95 -21.96
N ASP A 175 -5.25 11.02 -22.27
CA ASP A 175 -5.67 11.78 -23.42
C ASP A 175 -5.79 13.22 -22.99
N SER A 176 -4.69 13.93 -23.07
CA SER A 176 -4.59 15.28 -22.54
C SER A 176 -5.61 16.19 -23.18
N LYS A 177 -6.20 15.74 -24.27
CA LYS A 177 -7.12 16.58 -25.03
C LYS A 177 -8.49 16.72 -24.41
N HIS A 178 -8.89 15.75 -23.61
CA HIS A 178 -10.23 15.73 -23.02
C HIS A 178 -10.18 15.73 -21.50
N TRP A 179 -9.06 15.31 -20.96
CA TRP A 179 -8.93 15.11 -19.53
C TRP A 179 -7.80 15.91 -18.98
N ASN A 180 -8.01 16.51 -17.80
CA ASN A 180 -6.88 16.98 -17.01
C ASN A 180 -6.51 15.87 -16.05
N SER A 181 -5.25 15.79 -15.66
CA SER A 181 -4.83 14.69 -14.82
C SER A 181 -3.77 15.17 -13.86
N TYR A 182 -3.60 14.44 -12.74
CA TYR A 182 -2.54 14.77 -11.81
C TYR A 182 -2.29 13.59 -10.92
N CYS A 183 -1.04 13.23 -10.69
CA CYS A 183 -0.77 12.07 -9.87
C CYS A 183 -0.74 12.41 -8.40
N THR A 184 -1.33 11.55 -7.60
CA THR A 184 -1.40 11.77 -6.17
C THR A 184 -0.97 10.54 -5.46
N THR A 185 -0.82 10.65 -4.16
CA THR A 185 -0.28 9.54 -3.40
C THR A 185 -1.38 8.83 -2.65
N THR A 186 -1.25 7.52 -2.61
CA THR A 186 -2.26 6.68 -2.05
C THR A 186 -1.80 6.09 -0.76
N HIS A 187 -2.66 6.15 0.25
CA HIS A 187 -2.27 5.68 1.57
C HIS A 187 -2.84 4.30 1.79
N THR A 188 -2.36 3.66 2.82
CA THR A 188 -2.77 2.34 3.26
C THR A 188 -2.51 2.36 4.76
N PHE A 189 -2.93 1.36 5.52
CA PHE A 189 -2.84 1.45 6.98
C PHE A 189 -2.03 0.33 7.54
N VAL A 190 -1.22 0.64 8.54
CA VAL A 190 -0.46 -0.39 9.24
C VAL A 190 -0.63 -0.31 10.73
N LYS A 191 -0.68 -1.49 11.37
CA LYS A 191 -0.64 -1.56 12.82
C LYS A 191 0.82 -1.32 13.15
N ALA A 192 1.05 -0.33 13.99
CA ALA A 192 2.39 -0.04 14.46
C ALA A 192 2.22 0.66 15.79
N LEU A 193 3.33 0.82 16.51
CA LEU A 193 3.30 1.34 17.88
C LEU A 193 3.37 2.84 17.93
N THR A 194 2.36 3.46 18.51
CA THR A 194 2.26 4.91 18.55
C THR A 194 2.32 5.43 19.97
N THR A 195 2.28 6.75 20.11
CA THR A 195 2.19 7.39 21.41
C THR A 195 1.39 8.71 21.40
N ASP A 196 0.21 8.65 22.00
CA ASP A 196 -0.61 9.83 22.15
C ASP A 196 -0.39 10.40 23.55
N GLU A 197 0.55 11.34 23.65
CA GLU A 197 0.90 11.99 24.92
C GLU A 197 1.60 11.06 25.92
N LYS A 198 1.00 10.89 27.10
CA LYS A 198 1.52 10.00 28.14
C LYS A 198 1.37 8.53 27.74
N GLN A 199 0.19 8.20 27.21
CA GLN A 199 -0.13 6.82 26.81
C GLN A 199 0.38 6.50 25.43
N ALA A 200 0.91 5.29 25.30
CA ALA A 200 1.44 4.83 24.04
C ALA A 200 0.98 3.41 23.77
N ALA A 201 0.10 3.23 22.77
CA ALA A 201 -0.39 1.90 22.39
C ALA A 201 -0.30 1.66 20.88
N TRP A 202 -0.76 0.49 20.44
CA TRP A 202 -0.82 0.16 19.01
C TRP A 202 -1.99 0.84 18.33
N ARG A 203 -1.72 1.45 17.19
CA ARG A 203 -2.76 2.11 16.41
C ARG A 203 -2.40 1.95 14.94
N PHE A 204 -3.36 2.25 14.08
CA PHE A 204 -3.18 2.12 12.64
C PHE A 204 -2.85 3.44 11.97
N ILE A 205 -1.75 3.46 11.24
CA ILE A 205 -1.24 4.71 10.67
C ILE A 205 -1.22 4.74 9.14
N ARG A 206 -1.58 5.89 8.62
CA ARG A 206 -1.85 6.02 7.22
C ARG A 206 -0.55 6.25 6.49
N ILE A 207 0.18 5.19 6.18
CA ILE A 207 1.43 5.35 5.41
C ILE A 207 1.31 5.28 3.87
N ASP A 208 2.08 6.13 3.18
CA ASP A 208 2.01 6.20 1.73
C ASP A 208 2.45 4.89 1.18
N THR A 209 1.88 4.50 0.05
CA THR A 209 2.07 3.15 -0.48
C THR A 209 2.07 3.04 -2.00
N ALA A 210 1.52 4.04 -2.68
CA ALA A 210 1.64 4.13 -4.14
C ALA A 210 1.21 5.49 -4.76
N CYS A 211 1.46 5.65 -6.05
CA CYS A 211 1.17 6.92 -6.65
C CYS A 211 0.38 6.67 -7.90
N VAL A 212 -0.84 7.19 -7.91
CA VAL A 212 -1.78 6.96 -8.99
C VAL A 212 -2.49 8.22 -9.52
N CYS A 213 -2.69 8.25 -10.84
CA CYS A 213 -3.24 9.38 -11.57
C CYS A 213 -4.74 9.47 -11.46
N VAL A 214 -5.27 10.70 -11.47
CA VAL A 214 -6.70 11.00 -11.21
C VAL A 214 -7.33 11.94 -12.27
N LEU A 215 -8.33 11.48 -13.05
CA LEU A 215 -8.78 12.28 -14.21
C LEU A 215 -9.80 13.34 -13.86
N SER A 216 -10.04 14.31 -14.73
CA SER A 216 -11.24 15.13 -14.63
C SER A 216 -11.46 15.66 -16.01
N ARG A 217 -12.69 15.82 -16.44
CA ARG A 217 -12.92 16.19 -17.83
C ARG A 217 -12.79 17.66 -18.06
N LYS A 218 -12.75 18.05 -19.32
CA LYS A 218 -12.75 19.47 -19.67
C LYS A 218 -14.10 19.86 -20.21
N ALA A 219 -14.53 21.10 -19.95
CA ALA A 219 -15.83 21.56 -20.43
C ALA A 219 -15.69 22.06 -21.86
N THR A 220 -16.77 21.97 -22.63
CA THR A 220 -17.01 22.75 -23.86
C THR A 220 -18.31 22.33 -24.55
N GLU B 5 -4.89 17.90 45.57
CA GLU B 5 -5.04 16.54 45.07
C GLU B 5 -6.43 16.29 44.49
N THR B 6 -6.88 17.19 43.61
CA THR B 6 -8.22 17.09 43.01
C THR B 6 -8.39 15.71 42.38
N CYS B 7 -9.47 15.02 42.75
CA CYS B 7 -9.79 13.76 42.10
C CYS B 7 -10.47 14.05 40.78
N SER B 8 -9.85 13.55 39.72
CA SER B 8 -10.38 13.66 38.38
C SER B 8 -11.52 12.65 38.19
N THR B 9 -11.33 11.45 38.74
CA THR B 9 -12.28 10.37 38.58
C THR B 9 -13.66 10.68 39.16
N GLY B 10 -13.71 11.24 40.36
CA GLY B 10 -14.97 11.41 41.07
C GLY B 10 -15.29 10.27 42.03
N LEU B 11 -14.48 9.21 41.99
CA LEU B 11 -14.62 8.11 42.94
C LEU B 11 -13.47 8.12 43.89
N TYR B 12 -13.74 7.75 45.15
CA TYR B 12 -12.69 7.76 46.15
C TYR B 12 -12.50 6.42 46.82
N THR B 13 -11.27 6.06 47.10
CA THR B 13 -11.08 4.81 47.79
C THR B 13 -11.74 4.96 49.18
N HIS B 14 -12.08 3.85 49.83
CA HIS B 14 -12.61 3.89 51.19
C HIS B 14 -11.73 4.73 52.13
N SER B 15 -10.42 4.50 52.05
CA SER B 15 -9.44 5.27 52.82
C SER B 15 -9.55 6.79 52.63
N GLY B 16 -10.45 7.23 51.74
CA GLY B 16 -10.57 8.65 51.38
C GLY B 16 -9.83 9.09 50.11
N GLU B 17 -8.77 8.37 49.75
CA GLU B 17 -7.93 8.75 48.60
C GLU B 17 -8.67 8.73 47.28
N CYS B 18 -8.05 9.32 46.27
CA CYS B 18 -8.65 9.45 44.94
C CYS B 18 -8.41 8.18 44.12
N CYS B 19 -9.39 7.79 43.30
CA CYS B 19 -9.32 6.52 42.58
C CYS B 19 -8.61 6.58 41.24
N LYS B 20 -7.78 5.57 40.99
CA LYS B 20 -6.98 5.50 39.78
C LYS B 20 -7.84 5.16 38.60
N ALA B 21 -7.87 6.04 37.61
CA ALA B 21 -8.67 5.81 36.39
C ALA B 21 -7.99 4.80 35.50
N CYS B 22 -8.75 4.14 34.67
CA CYS B 22 -8.14 3.23 33.72
C CYS B 22 -8.10 3.90 32.36
N ASN B 23 -6.91 4.13 31.85
CA ASN B 23 -6.75 4.83 30.58
C ASN B 23 -7.19 3.97 29.39
N LEU B 24 -6.86 4.46 28.19
CA LEU B 24 -7.15 3.76 26.93
C LEU B 24 -6.40 2.43 26.85
N GLY B 25 -7.12 1.37 26.57
CA GLY B 25 -6.49 0.09 26.43
C GLY B 25 -6.44 -0.56 27.79
N GLU B 26 -6.90 0.18 28.78
CA GLU B 26 -6.98 -0.38 30.10
C GLU B 26 -8.39 -0.25 30.61
N GLY B 27 -8.95 -1.37 31.02
CA GLY B 27 -10.27 -1.41 31.60
C GLY B 27 -10.20 -1.83 33.05
N VAL B 28 -11.30 -1.61 33.75
CA VAL B 28 -11.33 -1.89 35.16
C VAL B 28 -11.33 -3.39 35.43
N ALA B 29 -10.39 -3.85 36.26
CA ALA B 29 -10.33 -5.25 36.68
C ALA B 29 -10.99 -5.51 38.04
N GLN B 30 -10.57 -4.74 39.05
CA GLN B 30 -11.22 -4.75 40.34
C GLN B 30 -11.35 -3.31 40.84
N PRO B 31 -12.60 -2.84 41.02
CA PRO B 31 -12.93 -1.43 41.36
C PRO B 31 -12.20 -0.92 42.62
N CYS B 32 -12.09 0.40 42.79
CA CYS B 32 -11.37 0.92 43.96
C CYS B 32 -12.27 0.94 45.19
N GLY B 33 -12.53 -0.24 45.72
CA GLY B 33 -13.27 -0.38 46.97
C GLY B 33 -12.28 -0.33 48.11
N ALA B 34 -12.00 -1.50 48.67
CA ALA B 34 -11.01 -1.59 49.74
C ALA B 34 -9.76 -0.83 49.33
N ASP B 35 -9.20 -1.20 48.18
CA ASP B 35 -7.93 -0.67 47.70
C ASP B 35 -8.13 0.18 46.44
N GLN B 36 -7.03 0.45 45.75
CA GLN B 36 -7.08 1.24 44.53
C GLN B 36 -7.70 0.42 43.42
N THR B 37 -7.90 1.06 42.27
CA THR B 37 -8.39 0.37 41.07
C THR B 37 -7.29 -0.55 40.55
N VAL B 38 -7.65 -1.71 40.03
CA VAL B 38 -6.65 -2.50 39.33
C VAL B 38 -6.95 -2.53 37.82
N CYS B 39 -6.05 -1.94 37.03
CA CYS B 39 -6.22 -1.86 35.59
C CYS B 39 -5.49 -3.01 34.90
N GLU B 40 -6.08 -3.53 33.83
CA GLU B 40 -5.41 -4.52 33.00
C GLU B 40 -5.58 -4.16 31.52
N PRO B 41 -4.50 -4.25 30.73
CA PRO B 41 -4.60 -3.97 29.29
C PRO B 41 -5.64 -4.85 28.62
N CYS B 42 -6.29 -4.32 27.59
CA CYS B 42 -7.38 -5.00 26.90
C CYS B 42 -6.86 -6.10 25.97
N LEU B 43 -7.73 -7.03 25.59
CA LEU B 43 -7.35 -8.03 24.61
C LEU B 43 -7.57 -7.44 23.22
N ASP B 44 -6.61 -7.70 22.33
CA ASP B 44 -6.65 -7.12 20.98
C ASP B 44 -7.69 -7.80 20.08
N SER B 45 -8.41 -7.04 19.28
CA SER B 45 -9.34 -7.65 18.39
C SER B 45 -10.52 -8.20 19.13
N VAL B 46 -10.57 -7.92 20.43
CA VAL B 46 -11.59 -8.54 21.26
C VAL B 46 -12.24 -7.55 22.21
N THR B 47 -11.38 -6.86 22.96
CA THR B 47 -11.82 -5.82 23.86
C THR B 47 -11.05 -4.54 23.63
N PHE B 48 -11.50 -3.48 24.33
CA PHE B 48 -10.91 -2.17 24.16
C PHE B 48 -11.42 -1.20 25.23
N SER B 49 -10.54 -0.40 25.82
CA SER B 49 -11.01 0.70 26.66
C SER B 49 -10.76 1.95 25.86
N ASP B 50 -11.78 2.50 25.24
CA ASP B 50 -11.55 3.73 24.50
C ASP B 50 -11.86 4.90 25.41
N VAL B 51 -11.63 4.71 26.70
CA VAL B 51 -11.85 5.77 27.70
C VAL B 51 -10.97 5.64 28.97
N VAL B 52 -10.94 6.74 29.72
CA VAL B 52 -10.17 6.83 30.94
C VAL B 52 -11.09 6.90 32.14
N SER B 53 -11.56 5.74 32.58
CA SER B 53 -12.47 5.70 33.70
C SER B 53 -12.01 4.69 34.73
N ALA B 54 -12.20 5.01 36.01
CA ALA B 54 -11.92 4.08 37.09
C ALA B 54 -13.08 3.11 37.28
N THR B 55 -14.09 3.26 36.42
CA THR B 55 -15.28 2.43 36.49
C THR B 55 -15.30 1.47 35.32
N GLU B 56 -15.17 1.97 34.10
CA GLU B 56 -15.42 1.16 32.91
C GLU B 56 -14.33 0.15 32.58
N PRO B 57 -14.72 -1.08 32.19
CA PRO B 57 -13.81 -2.16 31.87
C PRO B 57 -13.59 -2.25 30.37
N CYS B 58 -13.02 -3.37 29.93
CA CYS B 58 -12.75 -3.52 28.52
C CYS B 58 -14.01 -3.94 27.78
N LYS B 59 -14.69 -3.03 27.10
CA LYS B 59 -15.84 -3.42 26.29
C LYS B 59 -15.44 -4.34 25.14
N PRO B 60 -16.42 -5.08 24.58
CA PRO B 60 -16.26 -6.06 23.51
C PRO B 60 -16.25 -5.42 22.12
N CYS B 61 -15.30 -5.82 21.29
CA CYS B 61 -15.10 -5.20 19.98
C CYS B 61 -16.31 -5.28 19.09
N THR B 62 -16.85 -4.13 18.71
CA THR B 62 -17.99 -4.11 17.78
C THR B 62 -17.74 -5.05 16.63
N GLU B 63 -18.71 -5.91 16.32
CA GLU B 63 -18.53 -6.86 15.22
C GLU B 63 -19.28 -6.36 13.99
N CYS B 64 -18.80 -6.76 12.82
CA CYS B 64 -19.43 -6.34 11.57
C CYS B 64 -20.22 -7.47 10.96
N LEU B 65 -21.50 -7.25 10.69
CA LEU B 65 -22.22 -8.33 9.99
C LEU B 65 -23.25 -7.91 8.94
N GLY B 66 -23.32 -8.76 7.93
CA GLY B 66 -24.22 -8.59 6.81
C GLY B 66 -23.57 -7.56 5.91
N LEU B 67 -24.24 -6.42 5.78
CA LEU B 67 -23.73 -5.28 5.01
C LEU B 67 -22.74 -4.39 5.80
N GLN B 68 -22.59 -4.73 7.08
CA GLN B 68 -21.54 -4.16 7.87
C GLN B 68 -20.25 -4.78 7.37
N SER B 69 -19.55 -3.99 6.58
CA SER B 69 -18.15 -4.27 6.28
C SER B 69 -17.26 -3.36 7.15
N MET B 70 -16.08 -3.86 7.51
CA MET B 70 -15.19 -3.12 8.41
C MET B 70 -14.47 -1.97 7.73
N SER B 71 -14.38 -0.84 8.43
CA SER B 71 -13.58 0.30 8.00
C SER B 71 -12.31 0.46 8.85
N ALA B 72 -12.47 0.37 10.16
CA ALA B 72 -11.36 0.45 11.08
C ALA B 72 -11.46 -0.74 11.98
N PRO B 73 -10.36 -1.48 12.13
CA PRO B 73 -10.28 -2.64 13.03
C PRO B 73 -10.32 -2.24 14.51
N CYS B 74 -10.60 -3.20 15.39
CA CYS B 74 -10.70 -2.90 16.81
C CYS B 74 -9.42 -3.14 17.56
N VAL B 75 -8.99 -2.15 18.32
CA VAL B 75 -7.73 -2.19 19.06
C VAL B 75 -8.01 -1.74 20.49
N GLU B 76 -7.11 -2.04 21.42
CA GLU B 76 -7.33 -1.67 22.82
C GLU B 76 -7.69 -0.22 22.94
N ALA B 77 -6.98 0.60 22.18
CA ALA B 77 -7.20 2.03 22.28
C ALA B 77 -8.58 2.45 21.74
N ASP B 78 -9.02 1.80 20.68
CA ASP B 78 -10.21 2.27 19.99
C ASP B 78 -11.02 1.11 19.45
N ASP B 79 -12.32 1.28 19.47
CA ASP B 79 -13.21 0.27 18.93
C ASP B 79 -13.14 0.24 17.40
N ALA B 80 -13.55 -0.90 16.82
CA ALA B 80 -13.63 -1.10 15.37
C ALA B 80 -14.83 -0.38 14.82
N VAL B 81 -14.69 0.23 13.64
CA VAL B 81 -15.80 0.92 13.01
C VAL B 81 -16.19 0.20 11.74
N CYS B 82 -17.48 -0.11 11.62
CA CYS B 82 -18.02 -0.72 10.41
C CYS B 82 -18.65 0.35 9.54
N ARG B 83 -18.76 0.07 8.25
CA ARG B 83 -19.52 0.94 7.36
C ARG B 83 -20.14 0.13 6.23
N CYS B 84 -20.96 0.79 5.42
CA CYS B 84 -21.72 0.06 4.43
C CYS B 84 -20.80 -0.70 3.49
N ALA B 85 -21.28 -1.83 3.00
CA ALA B 85 -20.48 -2.72 2.16
C ALA B 85 -20.14 -2.02 0.86
N TYR B 86 -19.19 -2.57 0.11
CA TYR B 86 -18.74 -1.93 -1.13
C TYR B 86 -19.87 -1.33 -1.95
N GLY B 87 -20.90 -2.13 -2.18
CA GLY B 87 -21.99 -1.72 -3.04
C GLY B 87 -22.87 -0.58 -2.57
N TYR B 88 -22.99 -0.37 -1.26
CA TYR B 88 -24.09 0.41 -0.68
C TYR B 88 -23.65 1.63 0.08
N TYR B 89 -24.64 2.38 0.56
CA TYR B 89 -24.37 3.54 1.38
C TYR B 89 -25.36 3.53 2.54
N GLN B 90 -25.02 4.22 3.62
CA GLN B 90 -25.93 4.31 4.76
C GLN B 90 -27.05 5.30 4.46
N ASP B 91 -28.30 4.84 4.60
CA ASP B 91 -29.48 5.65 4.26
C ASP B 91 -29.95 6.48 5.48
N GLU B 92 -29.95 7.80 5.33
CA GLU B 92 -30.23 8.70 6.45
C GLU B 92 -31.67 8.57 6.92
N GLU B 93 -32.49 7.89 6.13
CA GLU B 93 -33.91 7.75 6.45
C GLU B 93 -34.33 6.29 6.61
N THR B 94 -33.38 5.37 6.50
CA THR B 94 -33.66 3.94 6.71
C THR B 94 -32.72 3.31 7.74
N GLY B 95 -31.71 4.06 8.17
CA GLY B 95 -30.70 3.54 9.09
C GLY B 95 -30.13 2.22 8.61
N HIS B 96 -30.49 1.85 7.39
CA HIS B 96 -30.09 0.57 6.83
C HIS B 96 -29.21 0.78 5.59
N CYS B 97 -28.37 -0.19 5.31
CA CYS B 97 -27.51 -0.16 4.14
C CYS B 97 -28.25 -0.44 2.83
N GLU B 98 -28.61 0.61 2.08
CA GLU B 98 -29.21 0.44 0.75
C GLU B 98 -28.13 0.56 -0.32
N ALA B 99 -28.35 -0.09 -1.46
CA ALA B 99 -27.31 -0.18 -2.52
C ALA B 99 -27.19 1.04 -3.47
N CYS B 100 -25.97 1.31 -3.91
CA CYS B 100 -25.69 2.48 -4.73
C CYS B 100 -26.46 2.36 -6.00
N SER B 101 -27.23 3.39 -6.32
CA SER B 101 -27.92 3.42 -7.61
C SER B 101 -26.89 3.61 -8.70
N VAL B 102 -27.10 2.95 -9.84
CA VAL B 102 -26.13 2.98 -10.94
C VAL B 102 -26.39 4.13 -11.92
N CYS B 103 -25.35 4.50 -12.66
CA CYS B 103 -25.46 5.55 -13.64
C CYS B 103 -25.79 4.91 -14.98
N GLU B 104 -27.07 4.97 -15.31
CA GLU B 104 -27.59 4.23 -16.44
C GLU B 104 -27.00 4.77 -17.71
N VAL B 105 -27.12 3.98 -18.76
CA VAL B 105 -26.71 4.42 -20.09
C VAL B 105 -27.20 5.83 -20.35
N GLY B 106 -26.54 6.55 -21.25
CA GLY B 106 -26.84 7.97 -21.45
C GLY B 106 -26.55 8.77 -20.20
N SER B 107 -25.93 8.11 -19.23
CA SER B 107 -25.57 8.81 -18.02
C SER B 107 -24.29 8.29 -17.39
N GLY B 108 -23.62 9.20 -16.71
CA GLY B 108 -22.35 8.84 -16.16
C GLY B 108 -22.25 9.17 -14.71
N LEU B 109 -21.09 8.82 -14.17
CA LEU B 109 -20.74 8.97 -12.78
C LEU B 109 -20.33 10.39 -12.50
N VAL B 110 -20.68 10.91 -11.34
CA VAL B 110 -20.12 12.19 -11.00
C VAL B 110 -19.41 12.15 -9.66
N PHE B 111 -20.11 11.87 -8.56
CA PHE B 111 -19.44 11.61 -7.29
C PHE B 111 -19.76 10.18 -7.00
N SER B 112 -18.86 9.42 -6.39
CA SER B 112 -19.13 8.00 -6.24
C SER B 112 -20.01 7.66 -5.05
N CYS B 113 -20.28 6.38 -4.82
CA CYS B 113 -21.14 6.00 -3.71
C CYS B 113 -20.34 5.80 -2.43
N GLN B 114 -20.27 6.85 -1.60
CA GLN B 114 -19.52 6.81 -0.35
C GLN B 114 -20.34 6.24 0.79
N ASP B 115 -19.80 6.30 1.99
CA ASP B 115 -20.44 5.75 3.16
C ASP B 115 -21.86 6.25 3.39
N LYS B 116 -22.06 7.55 3.27
CA LYS B 116 -23.34 8.17 3.59
C LYS B 116 -24.02 8.77 2.35
N GLN B 117 -23.26 8.75 1.25
CA GLN B 117 -23.60 9.41 -0.02
C GLN B 117 -23.88 8.44 -1.15
N ASN B 118 -25.10 8.44 -1.67
CA ASN B 118 -25.43 7.63 -2.85
C ASN B 118 -24.75 8.14 -4.16
N THR B 119 -24.54 7.23 -5.12
CA THR B 119 -24.05 7.59 -6.44
C THR B 119 -24.68 8.88 -6.90
N VAL B 120 -23.92 9.73 -7.56
CA VAL B 120 -24.47 10.93 -8.14
C VAL B 120 -24.20 10.88 -9.63
N CYS B 121 -25.22 10.66 -10.46
CA CYS B 121 -24.93 10.57 -11.88
C CYS B 121 -25.20 11.88 -12.57
N GLU B 122 -24.97 11.90 -13.87
CA GLU B 122 -25.24 13.09 -14.64
C GLU B 122 -25.60 12.73 -16.06
N GLU B 123 -26.54 13.46 -16.61
CA GLU B 123 -26.92 13.16 -17.96
C GLU B 123 -25.74 13.54 -18.80
N CYS B 124 -25.19 12.55 -19.50
CA CYS B 124 -24.11 12.80 -20.45
C CYS B 124 -24.37 14.00 -21.31
N PRO B 125 -23.60 15.09 -21.07
CA PRO B 125 -23.77 16.37 -21.77
C PRO B 125 -23.42 16.34 -23.27
N GLU B 126 -23.51 17.49 -23.93
CA GLU B 126 -23.18 17.55 -25.34
C GLU B 126 -21.79 16.97 -25.53
N GLY B 127 -21.68 15.92 -26.34
CA GLY B 127 -20.40 15.38 -26.75
C GLY B 127 -19.83 14.20 -25.95
N THR B 128 -20.61 13.69 -25.03
CA THR B 128 -20.17 12.57 -24.22
C THR B 128 -21.14 11.39 -24.36
N TYR B 129 -20.87 10.28 -23.69
CA TYR B 129 -21.79 9.14 -23.74
C TYR B 129 -21.57 8.08 -22.64
N SER B 130 -22.54 7.22 -22.38
CA SER B 130 -22.35 6.13 -21.42
C SER B 130 -22.49 4.69 -22.05
N ASP B 131 -21.41 3.93 -22.09
CA ASP B 131 -21.46 2.58 -22.60
C ASP B 131 -22.52 1.82 -21.84
N GLU B 132 -22.38 1.79 -20.54
CA GLU B 132 -23.23 0.96 -19.70
C GLU B 132 -23.74 1.70 -18.51
N ALA B 133 -24.41 0.95 -17.65
CA ALA B 133 -24.97 1.47 -16.40
C ALA B 133 -24.36 0.80 -15.18
N ASN B 134 -23.56 1.57 -14.45
CA ASN B 134 -22.83 1.10 -13.27
C ASN B 134 -22.56 2.35 -12.47
N HIS B 135 -21.97 2.18 -11.30
CA HIS B 135 -21.61 3.30 -10.45
C HIS B 135 -20.09 3.57 -10.49
N VAL B 136 -19.47 3.22 -11.63
CA VAL B 136 -18.04 3.37 -11.85
C VAL B 136 -17.62 4.24 -13.04
N ASP B 137 -18.24 4.07 -14.21
CA ASP B 137 -17.80 4.81 -15.37
C ASP B 137 -18.47 6.16 -15.35
N PRO B 138 -17.79 7.22 -15.83
CA PRO B 138 -18.37 8.55 -16.00
C PRO B 138 -18.65 8.74 -17.47
N CYS B 139 -19.01 9.94 -17.87
CA CYS B 139 -19.25 10.14 -19.27
C CYS B 139 -17.92 10.22 -20.02
N LEU B 140 -17.80 9.52 -21.15
CA LEU B 140 -16.60 9.64 -21.98
C LEU B 140 -16.88 10.52 -23.19
N PRO B 141 -15.80 11.17 -23.74
CA PRO B 141 -15.86 12.05 -24.92
C PRO B 141 -16.03 11.21 -26.17
N CYS B 142 -16.69 11.76 -27.18
CA CYS B 142 -17.02 11.00 -28.36
C CYS B 142 -15.87 11.02 -29.36
N THR B 143 -15.62 9.89 -30.03
CA THR B 143 -14.65 9.83 -31.12
C THR B 143 -15.01 10.92 -32.13
N VAL B 144 -14.07 11.38 -32.95
CA VAL B 144 -14.42 12.41 -33.93
C VAL B 144 -14.13 12.09 -35.40
N CYS B 145 -13.83 10.83 -35.69
CA CYS B 145 -13.52 10.43 -37.07
C CYS B 145 -12.43 11.34 -37.67
N GLU B 146 -12.69 11.81 -38.88
CA GLU B 146 -11.85 12.79 -39.54
C GLU B 146 -12.61 13.33 -40.71
N ASP B 147 -12.34 14.59 -41.06
CA ASP B 147 -12.89 15.15 -42.29
C ASP B 147 -12.61 14.27 -43.52
N THR B 148 -11.80 13.23 -43.32
CA THR B 148 -11.45 12.27 -44.36
C THR B 148 -12.22 10.99 -44.13
N GLU B 149 -12.02 10.40 -42.97
CA GLU B 149 -12.63 9.12 -42.62
C GLU B 149 -14.14 9.23 -42.69
N ARG B 150 -14.79 8.27 -43.34
CA ARG B 150 -16.25 8.29 -43.42
C ARG B 150 -16.86 8.01 -42.09
N GLN B 151 -17.98 8.67 -41.85
CA GLN B 151 -18.68 8.61 -40.57
C GLN B 151 -19.92 7.76 -40.67
N LEU B 152 -20.04 6.75 -39.83
CA LEU B 152 -21.14 5.80 -39.94
C LEU B 152 -22.26 6.07 -38.93
N ARG B 153 -21.96 5.82 -37.66
CA ARG B 153 -22.84 6.17 -36.55
C ARG B 153 -22.39 7.50 -35.97
N GLU B 154 -23.33 8.41 -35.80
CA GLU B 154 -22.98 9.67 -35.15
C GLU B 154 -23.06 9.46 -33.66
N CYS B 155 -22.50 10.40 -32.92
CA CYS B 155 -22.40 10.20 -31.48
C CYS B 155 -23.68 10.63 -30.75
N THR B 156 -24.22 9.70 -29.96
CA THR B 156 -25.46 9.89 -29.22
C THR B 156 -25.21 9.90 -27.73
N PRO B 157 -26.09 10.59 -26.97
CA PRO B 157 -25.94 10.61 -25.50
C PRO B 157 -25.70 9.22 -24.91
N TRP B 158 -25.79 8.16 -25.71
CA TRP B 158 -25.74 6.82 -25.13
C TRP B 158 -24.82 5.92 -25.86
N ALA B 159 -24.32 6.33 -27.02
CA ALA B 159 -23.32 5.50 -27.69
C ALA B 159 -22.34 6.32 -28.50
N ASP B 160 -21.07 5.91 -28.46
CA ASP B 160 -19.98 6.58 -29.15
C ASP B 160 -20.26 6.60 -30.64
N ALA B 161 -19.55 7.47 -31.37
CA ALA B 161 -19.62 7.46 -32.84
C ALA B 161 -18.80 6.27 -33.46
N GLU B 162 -18.99 5.96 -34.74
CA GLU B 162 -18.21 4.88 -35.35
C GLU B 162 -17.67 5.28 -36.71
N CYS B 163 -16.42 4.93 -36.96
CA CYS B 163 -15.84 5.19 -38.28
C CYS B 163 -14.71 4.27 -38.77
N GLU B 164 -14.35 4.52 -40.04
CA GLU B 164 -13.46 3.73 -40.88
C GLU B 164 -12.99 4.63 -42.05
N HIS B 165 -11.89 4.27 -42.69
CA HIS B 165 -11.38 5.00 -43.87
C HIS B 165 -10.99 4.02 -45.00
N HIS B 166 -10.23 4.50 -45.98
CA HIS B 166 -9.79 3.70 -47.12
C HIS B 166 -9.36 2.30 -46.70
N HIS C 111 -16.42 19.68 -7.13
CA HIS C 111 -16.51 18.99 -8.43
C HIS C 111 -15.53 17.72 -8.65
N MET C 112 -15.10 17.00 -7.55
CA MET C 112 -14.16 15.96 -7.40
C MET C 112 -15.56 15.45 -7.53
N GLY C 113 -15.92 14.60 -8.49
CA GLY C 113 -15.87 14.89 -9.92
C GLY C 113 -14.61 14.51 -10.67
N GLU C 114 -13.82 13.72 -9.98
CA GLU C 114 -12.55 13.26 -10.45
C GLU C 114 -12.67 11.76 -10.47
N PHE C 115 -11.97 11.13 -11.37
CA PHE C 115 -12.18 9.72 -11.59
C PHE C 115 -10.89 8.98 -11.75
N SER C 116 -10.77 7.84 -11.05
CA SER C 116 -9.59 6.99 -11.18
C SER C 116 -9.41 6.45 -12.59
N VAL C 117 -8.23 5.94 -12.86
CA VAL C 117 -7.92 5.47 -14.19
C VAL C 117 -7.94 3.97 -14.11
N CYS C 118 -7.81 3.47 -12.88
CA CYS C 118 -7.94 2.06 -12.62
C CYS C 118 -8.85 1.99 -11.42
N ASP C 119 -10.00 1.37 -11.56
CA ASP C 119 -10.92 1.41 -10.45
C ASP C 119 -10.38 0.41 -9.49
N SER C 120 -10.64 0.61 -8.21
CA SER C 120 -10.03 -0.26 -7.22
C SER C 120 -10.96 -0.53 -6.08
N VAL C 121 -10.79 -1.69 -5.48
CA VAL C 121 -11.61 -2.06 -4.36
C VAL C 121 -10.75 -2.50 -3.21
N SER C 122 -10.85 -1.78 -2.09
CA SER C 122 -10.08 -2.06 -0.89
C SER C 122 -10.98 -2.65 0.17
N VAL C 123 -10.41 -3.53 0.99
CA VAL C 123 -11.17 -4.24 2.02
C VAL C 123 -10.29 -4.72 3.18
N TRP C 124 -10.90 -4.88 4.35
CA TRP C 124 -10.15 -5.36 5.49
C TRP C 124 -10.11 -6.88 5.58
N VAL C 125 -8.93 -7.43 5.70
CA VAL C 125 -8.80 -8.84 5.53
C VAL C 125 -8.35 -9.52 6.82
N GLY C 126 -9.31 -9.88 7.67
CA GLY C 126 -9.02 -10.62 8.90
C GLY C 126 -8.77 -12.09 8.65
N ASP C 127 -9.52 -12.65 7.70
CA ASP C 127 -9.39 -14.04 7.37
C ASP C 127 -8.29 -14.29 6.37
N LYS C 128 -7.04 -14.09 6.76
CA LYS C 128 -5.95 -14.32 5.82
C LYS C 128 -5.07 -15.44 6.31
N THR C 129 -4.81 -16.38 5.43
CA THR C 129 -4.27 -17.65 5.85
C THR C 129 -3.07 -18.05 5.00
N THR C 130 -2.89 -17.34 3.90
CA THR C 130 -1.74 -17.55 3.03
C THR C 130 -1.18 -16.24 2.51
N ALA C 131 0.13 -16.22 2.26
CA ALA C 131 0.78 -15.03 1.73
C ALA C 131 2.15 -15.37 1.14
N THR C 132 2.89 -14.35 0.72
CA THR C 132 4.20 -14.61 0.13
C THR C 132 5.33 -13.84 0.81
N ASP C 133 6.28 -14.60 1.35
CA ASP C 133 7.45 -14.06 1.99
C ASP C 133 7.98 -12.93 1.13
N ILE C 134 8.43 -11.87 1.78
CA ILE C 134 9.12 -10.81 1.04
C ILE C 134 10.25 -11.42 0.22
N LYS C 135 11.00 -12.34 0.85
CA LYS C 135 12.09 -13.08 0.20
C LYS C 135 11.57 -13.73 -1.08
N GLY C 136 10.27 -13.96 -1.11
CA GLY C 136 9.62 -14.53 -2.28
C GLY C 136 9.06 -15.89 -1.92
N LYS C 137 9.18 -16.23 -0.65
CA LYS C 137 8.86 -17.58 -0.19
C LYS C 137 7.40 -17.74 0.25
N GLU C 138 6.59 -18.44 -0.54
CA GLU C 138 5.24 -18.77 -0.14
C GLU C 138 5.20 -19.12 1.34
N VAL C 139 4.14 -18.70 2.04
CA VAL C 139 4.00 -18.98 3.46
C VAL C 139 2.56 -18.79 3.97
N THR C 140 2.32 -19.18 5.22
CA THR C 140 0.99 -19.14 5.79
C THR C 140 0.86 -18.24 7.02
N VAL C 141 -0.33 -17.72 7.21
CA VAL C 141 -0.59 -16.78 8.28
C VAL C 141 -1.45 -17.46 9.34
N LEU C 142 -1.72 -16.75 10.43
CA LEU C 142 -2.60 -17.27 11.48
C LEU C 142 -3.97 -16.61 11.47
N ALA C 143 -4.99 -17.31 11.97
CA ALA C 143 -6.33 -16.77 11.93
C ALA C 143 -7.06 -16.89 13.26
N GLU C 144 -7.78 -17.98 13.44
CA GLU C 144 -8.49 -18.22 14.69
C GLU C 144 -7.55 -18.11 15.89
N VAL C 145 -6.45 -18.86 15.85
CA VAL C 145 -5.44 -18.88 16.92
C VAL C 145 -6.05 -18.80 18.33
N ASN C 146 -7.00 -19.70 18.62
CA ASN C 146 -7.66 -19.74 19.94
C ASN C 146 -6.73 -20.15 21.08
N ILE C 147 -5.53 -19.57 21.11
CA ILE C 147 -4.59 -19.73 22.22
C ILE C 147 -4.96 -18.73 23.32
N ASN C 148 -5.55 -19.24 24.42
CA ASN C 148 -5.95 -18.43 25.58
C ASN C 148 -7.44 -18.10 25.65
N ASN C 149 -8.26 -18.85 24.90
CA ASN C 149 -9.71 -18.61 24.80
C ASN C 149 -10.09 -17.37 23.97
N SER C 150 -9.08 -16.69 23.44
CA SER C 150 -9.27 -15.47 22.64
C SER C 150 -9.42 -15.81 21.17
N VAL C 151 -9.40 -14.79 20.32
CA VAL C 151 -9.42 -14.99 18.87
C VAL C 151 -8.24 -14.26 18.19
N PHE C 152 -7.55 -13.41 18.94
CA PHE C 152 -6.48 -12.60 18.36
C PHE C 152 -6.90 -12.06 17.01
N ARG C 153 -6.18 -12.52 15.99
CA ARG C 153 -6.41 -12.13 14.58
C ARG C 153 -5.42 -11.06 14.07
N GLN C 154 -5.10 -11.18 12.78
CA GLN C 154 -4.28 -10.22 12.09
C GLN C 154 -5.10 -9.64 10.97
N TYR C 155 -5.30 -8.33 10.99
CA TYR C 155 -6.00 -7.66 9.91
C TYR C 155 -5.02 -7.00 8.93
N PHE C 156 -5.43 -6.90 7.68
CA PHE C 156 -4.63 -6.21 6.68
C PHE C 156 -5.58 -5.44 5.78
N PHE C 157 -5.04 -4.42 5.13
CA PHE C 157 -5.86 -3.60 4.26
C PHE C 157 -5.42 -3.87 2.82
N GLU C 158 -6.17 -4.73 2.14
CA GLU C 158 -5.85 -5.13 0.78
C GLU C 158 -6.61 -4.29 -0.21
N THR C 159 -5.93 -3.98 -1.32
CA THR C 159 -6.59 -3.34 -2.46
C THR C 159 -6.20 -3.97 -3.78
N LYS C 160 -7.21 -4.22 -4.63
CA LYS C 160 -7.00 -4.82 -5.94
C LYS C 160 -7.87 -4.18 -6.98
N CYS C 161 -7.75 -4.68 -8.20
CA CYS C 161 -8.39 -4.04 -9.35
C CYS C 161 -9.82 -4.49 -9.61
N ARG C 162 -10.71 -3.54 -9.85
CA ARG C 162 -12.01 -3.91 -10.42
C ARG C 162 -11.76 -4.84 -11.63
N ALA C 163 -10.82 -4.48 -12.49
CA ALA C 163 -10.45 -5.33 -13.62
C ALA C 163 -9.19 -4.84 -14.34
N SER C 164 -8.68 -5.66 -15.27
CA SER C 164 -7.50 -5.27 -16.04
C SER C 164 -7.83 -4.08 -16.93
N ASN C 165 -8.86 -4.27 -17.76
CA ASN C 165 -9.26 -3.26 -18.72
C ASN C 165 -10.62 -2.67 -18.40
N PRO C 166 -10.66 -1.62 -17.56
CA PRO C 166 -11.88 -0.87 -17.23
C PRO C 166 -12.49 -0.21 -18.48
N VAL C 167 -11.75 -0.23 -19.59
CA VAL C 167 -12.26 0.13 -20.93
C VAL C 167 -11.66 -0.84 -22.00
N GLU C 168 -12.26 -0.88 -23.19
CA GLU C 168 -11.78 -1.77 -24.25
C GLU C 168 -10.32 -1.43 -24.59
N SER C 169 -9.99 -0.16 -24.44
CA SER C 169 -8.65 0.34 -24.73
C SER C 169 -7.65 0.08 -23.59
N GLY C 170 -8.16 -0.22 -22.40
CA GLY C 170 -7.33 -0.44 -21.23
C GLY C 170 -7.69 0.45 -20.07
N CYS C 171 -6.73 1.21 -19.56
CA CYS C 171 -6.99 2.10 -18.45
C CYS C 171 -7.96 3.17 -18.89
N ARG C 172 -8.58 3.82 -17.90
CA ARG C 172 -9.53 4.86 -18.18
C ARG C 172 -8.93 6.20 -18.53
N GLY C 173 -8.95 6.50 -19.83
CA GLY C 173 -8.69 7.84 -20.27
C GLY C 173 -7.24 8.05 -20.66
N ILE C 174 -6.53 6.98 -21.01
CA ILE C 174 -5.19 7.17 -21.55
C ILE C 174 -5.36 7.60 -23.00
N ASP C 175 -4.27 7.99 -23.67
CA ASP C 175 -4.33 8.26 -25.08
C ASP C 175 -4.24 6.95 -25.82
N SER C 176 -5.40 6.33 -26.01
CA SER C 176 -5.51 4.98 -26.54
C SER C 176 -4.94 4.90 -27.92
N LYS C 177 -4.71 6.06 -28.53
CA LYS C 177 -4.20 6.12 -29.89
C LYS C 177 -2.72 5.82 -30.06
N HIS C 178 -1.95 6.04 -29.00
CA HIS C 178 -0.51 5.82 -29.07
C HIS C 178 -0.03 4.80 -28.08
N TRP C 179 -0.87 4.54 -27.08
CA TRP C 179 -0.51 3.68 -25.95
C TRP C 179 -1.48 2.57 -25.75
N ASN C 180 -0.97 1.39 -25.44
CA ASN C 180 -1.80 0.35 -24.88
C ASN C 180 -1.59 0.43 -23.40
N SER C 181 -2.62 0.05 -22.65
CA SER C 181 -2.58 0.20 -21.20
C SER C 181 -3.26 -0.96 -20.53
N TYR C 182 -2.93 -1.23 -19.28
CA TYR C 182 -3.62 -2.27 -18.54
C TYR C 182 -3.40 -2.04 -17.07
N CYS C 183 -4.44 -2.14 -16.25
CA CYS C 183 -4.26 -1.88 -14.82
C CYS C 183 -3.80 -3.11 -14.09
N THR C 184 -2.84 -2.94 -13.20
CA THR C 184 -2.34 -4.05 -12.43
C THR C 184 -2.33 -3.69 -10.99
N THR C 185 -2.02 -4.67 -10.16
CA THR C 185 -2.07 -4.50 -8.73
C THR C 185 -0.70 -4.32 -8.15
N THR C 186 -0.63 -3.44 -7.16
CA THR C 186 0.62 -3.04 -6.58
C THR C 186 0.73 -3.54 -5.17
N HIS C 187 1.90 -4.11 -4.87
CA HIS C 187 2.12 -4.72 -3.58
C HIS C 187 2.88 -3.79 -2.69
N THR C 188 2.85 -4.12 -1.42
CA THR C 188 3.56 -3.40 -0.37
C THR C 188 3.82 -4.48 0.67
N PHE C 189 4.58 -4.19 1.73
CA PHE C 189 4.99 -5.26 2.64
C PHE C 189 4.61 -4.96 4.06
N VAL C 190 4.19 -5.99 4.77
CA VAL C 190 3.86 -5.83 6.18
C VAL C 190 4.55 -6.87 7.04
N LYS C 191 4.93 -6.45 8.24
CA LYS C 191 5.42 -7.39 9.22
C LYS C 191 4.15 -7.99 9.78
N ALA C 192 4.09 -9.31 9.75
CA ALA C 192 2.96 -10.04 10.32
C ALA C 192 3.48 -11.41 10.66
N LEU C 193 2.68 -12.17 11.40
CA LEU C 193 3.11 -13.47 11.91
C LEU C 193 2.83 -14.63 10.96
N THR C 194 3.90 -15.31 10.54
CA THR C 194 3.77 -16.37 9.55
C THR C 194 4.15 -17.70 10.15
N THR C 195 4.06 -18.75 9.33
CA THR C 195 4.50 -20.08 9.73
C THR C 195 5.07 -20.90 8.56
N ASP C 196 6.39 -21.09 8.58
CA ASP C 196 7.05 -21.92 7.59
C ASP C 196 7.25 -23.31 8.18
N GLU C 197 6.28 -24.21 7.92
CA GLU C 197 6.31 -25.60 8.41
C GLU C 197 6.11 -25.69 9.93
N LYS C 198 7.10 -26.28 10.61
CA LYS C 198 7.10 -26.41 12.07
C LYS C 198 7.30 -25.06 12.76
N GLN C 199 8.26 -24.28 12.26
CA GLN C 199 8.62 -22.98 12.83
C GLN C 199 7.70 -21.89 12.33
N ALA C 200 7.34 -21.00 13.24
CA ALA C 200 6.47 -19.88 12.91
C ALA C 200 7.01 -18.60 13.54
N ALA C 201 7.49 -17.67 12.70
CA ALA C 201 7.99 -16.39 13.19
C ALA C 201 7.42 -15.22 12.40
N TRP C 202 7.87 -14.01 12.74
CA TRP C 202 7.47 -12.81 12.03
C TRP C 202 8.23 -12.68 10.71
N ARG C 203 7.50 -12.39 9.65
CA ARG C 203 8.09 -12.15 8.35
C ARG C 203 7.27 -11.08 7.62
N PHE C 204 7.83 -10.56 6.53
CA PHE C 204 7.19 -9.52 5.74
C PHE C 204 6.48 -10.10 4.52
N ILE C 205 5.19 -9.79 4.39
CA ILE C 205 4.36 -10.39 3.36
C ILE C 205 3.82 -9.38 2.35
N ARG C 206 3.81 -9.79 1.11
CA ARG C 206 3.54 -8.90 0.02
C ARG C 206 2.05 -8.78 -0.17
N ILE C 207 1.40 -7.89 0.58
CA ILE C 207 -0.05 -7.68 0.41
C ILE C 207 -0.48 -6.58 -0.60
N ASP C 208 -1.47 -6.87 -1.40
CA ASP C 208 -1.91 -5.90 -2.38
C ASP C 208 -2.34 -4.63 -1.69
N THR C 209 -2.13 -3.50 -2.35
CA THR C 209 -2.34 -2.22 -1.70
C THR C 209 -2.85 -1.10 -2.60
N ALA C 210 -2.73 -1.28 -3.92
CA ALA C 210 -3.35 -0.36 -4.87
C ALA C 210 -3.38 -0.86 -6.32
N CYS C 211 -4.07 -0.14 -7.19
CA CYS C 211 -4.21 -0.60 -8.55
C CYS C 211 -3.86 0.53 -9.47
N VAL C 212 -2.79 0.34 -10.22
CA VAL C 212 -2.29 1.37 -11.10
C VAL C 212 -2.03 0.92 -12.55
N CYS C 213 -2.30 1.82 -13.50
CA CYS C 213 -2.21 1.57 -14.93
C CYS C 213 -0.80 1.65 -15.46
N VAL C 214 -0.50 0.86 -16.48
CA VAL C 214 0.88 0.67 -17.01
C VAL C 214 0.98 0.84 -18.55
N LEU C 215 1.70 1.84 -19.09
CA LEU C 215 1.60 2.09 -20.53
C LEU C 215 2.54 1.22 -21.34
N SER C 216 2.32 1.16 -22.64
CA SER C 216 3.36 0.70 -23.56
C SER C 216 3.02 1.29 -24.91
N ARG C 217 3.99 1.68 -25.70
CA ARG C 217 3.68 2.39 -26.92
C ARG C 217 3.30 1.47 -28.03
N LYS C 218 2.82 2.05 -29.11
CA LYS C 218 2.53 1.25 -30.28
C LYS C 218 3.56 1.49 -31.38
N ALA C 219 3.98 0.49 -32.10
CA ALA C 219 4.96 0.72 -33.16
C ALA C 219 4.36 1.41 -34.42
N THR C 220 5.09 2.24 -35.21
CA THR C 220 4.80 2.31 -36.68
C THR C 220 5.92 2.98 -37.47
N GLU D 5 15.78 -42.90 16.90
CA GLU D 5 16.04 -41.57 17.42
C GLU D 5 17.20 -40.89 16.69
N THR D 6 17.16 -40.91 15.37
CA THR D 6 18.22 -40.32 14.55
C THR D 6 18.47 -38.87 14.97
N CYS D 7 19.73 -38.56 15.28
CA CYS D 7 20.06 -37.18 15.56
C CYS D 7 20.19 -36.42 14.26
N SER D 8 19.41 -35.36 14.15
CA SER D 8 19.43 -34.48 13.00
C SER D 8 20.66 -33.57 13.12
N THR D 9 20.93 -33.11 14.34
CA THR D 9 21.97 -32.13 14.59
C THR D 9 23.38 -32.63 14.25
N GLY D 10 23.69 -33.87 14.62
CA GLY D 10 25.03 -34.40 14.48
C GLY D 10 25.86 -34.22 15.75
N LEU D 11 25.32 -33.48 16.71
CA LEU D 11 25.96 -33.31 18.02
C LEU D 11 25.21 -34.08 19.08
N TYR D 12 25.95 -34.66 20.02
CA TYR D 12 25.31 -35.42 21.07
C TYR D 12 25.69 -34.93 22.46
N THR D 13 24.70 -34.86 23.34
CA THR D 13 24.97 -34.49 24.72
C THR D 13 25.93 -35.53 25.29
N HIS D 14 26.67 -35.17 26.33
CA HIS D 14 27.62 -36.10 26.97
C HIS D 14 26.92 -37.42 27.37
N SER D 15 25.71 -37.31 27.92
CA SER D 15 24.90 -38.48 28.28
C SER D 15 24.59 -39.41 27.10
N GLY D 16 25.03 -39.05 25.90
CA GLY D 16 24.77 -39.83 24.70
C GLY D 16 23.61 -39.33 23.86
N GLU D 17 22.67 -38.63 24.49
CA GLU D 17 21.45 -38.18 23.81
C GLU D 17 21.72 -37.19 22.67
N CYS D 18 20.69 -36.96 21.85
CA CYS D 18 20.78 -36.09 20.69
C CYS D 18 20.56 -34.63 21.09
N CYS D 19 21.31 -33.73 20.45
CA CYS D 19 21.29 -32.33 20.84
C CYS D 19 20.19 -31.50 20.19
N LYS D 20 19.57 -30.66 21.00
CA LYS D 20 18.46 -29.82 20.56
C LYS D 20 18.96 -28.67 19.70
N ALA D 21 18.50 -28.64 18.44
CA ALA D 21 18.88 -27.58 17.52
C ALA D 21 18.15 -26.30 17.87
N CYS D 22 18.75 -25.17 17.51
CA CYS D 22 18.07 -23.91 17.69
C CYS D 22 17.46 -23.47 16.36
N ASN D 23 16.14 -23.37 16.34
CA ASN D 23 15.44 -23.02 15.11
C ASN D 23 15.63 -21.55 14.74
N LEU D 24 14.81 -21.11 13.78
CA LEU D 24 14.85 -19.73 13.30
C LEU D 24 14.39 -18.76 14.38
N GLY D 25 15.18 -17.73 14.63
CA GLY D 25 14.86 -16.75 15.65
C GLY D 25 15.37 -17.22 16.99
N GLU D 26 15.98 -18.39 16.99
CA GLU D 26 16.60 -18.90 18.19
C GLU D 26 18.04 -19.27 17.90
N GLY D 27 18.93 -18.67 18.69
CA GLY D 27 20.34 -18.95 18.60
C GLY D 27 20.83 -19.64 19.84
N VAL D 28 22.00 -20.24 19.73
CA VAL D 28 22.56 -21.01 20.83
C VAL D 28 22.97 -20.10 22.00
N ALA D 29 22.45 -20.39 23.19
CA ALA D 29 22.81 -19.67 24.40
C ALA D 29 23.93 -20.38 25.22
N GLN D 30 23.70 -21.66 25.53
CA GLN D 30 24.71 -22.52 26.14
C GLN D 30 24.69 -23.89 25.46
N PRO D 31 25.79 -24.27 24.79
CA PRO D 31 25.89 -25.49 23.97
C PRO D 31 25.51 -26.75 24.73
N CYS D 32 25.20 -27.83 24.01
CA CYS D 32 24.82 -29.07 24.66
C CYS D 32 26.05 -29.86 25.12
N GLY D 33 26.72 -29.34 26.14
CA GLY D 33 27.82 -30.04 26.78
C GLY D 33 27.28 -30.95 27.86
N ALA D 34 27.41 -30.53 29.12
CA ALA D 34 26.84 -31.27 30.24
C ALA D 34 25.37 -31.62 29.96
N ASP D 35 24.58 -30.60 29.66
CA ASP D 35 23.14 -30.76 29.45
C ASP D 35 22.74 -30.51 28.00
N GLN D 36 21.44 -30.32 27.77
CA GLN D 36 20.93 -30.04 26.44
C GLN D 36 21.31 -28.63 26.03
N THR D 37 21.00 -28.27 24.79
CA THR D 37 21.21 -26.92 24.29
C THR D 37 20.19 -25.98 24.94
N VAL D 38 20.61 -24.76 25.25
CA VAL D 38 19.64 -23.76 25.69
C VAL D 38 19.45 -22.67 24.62
N CYS D 39 18.24 -22.63 24.07
CA CYS D 39 17.90 -21.68 23.02
C CYS D 39 17.25 -20.43 23.59
N GLU D 40 17.57 -19.29 23.01
CA GLU D 40 16.91 -18.04 23.37
C GLU D 40 16.54 -17.27 22.10
N PRO D 41 15.30 -16.74 22.04
CA PRO D 41 14.89 -15.95 20.89
C PRO D 41 15.83 -14.77 20.64
N CYS D 42 16.01 -14.39 19.38
CA CYS D 42 16.94 -13.33 19.00
C CYS D 42 16.37 -11.95 19.30
N LEU D 43 17.24 -10.96 19.32
CA LEU D 43 16.79 -9.58 19.48
C LEU D 43 16.43 -9.00 18.11
N ASP D 44 15.33 -8.25 18.06
CA ASP D 44 14.82 -7.79 16.79
C ASP D 44 15.64 -6.65 16.27
N SER D 45 15.93 -6.65 14.98
CA SER D 45 16.55 -5.46 14.43
C SER D 45 18.02 -5.46 14.83
N VAL D 46 18.43 -6.54 15.47
CA VAL D 46 19.78 -6.60 16.05
C VAL D 46 20.45 -7.92 15.78
N THR D 47 19.74 -9.00 16.11
CA THR D 47 20.22 -10.34 15.87
C THR D 47 19.15 -11.16 15.16
N PHE D 48 19.54 -12.37 14.76
CA PHE D 48 18.69 -13.24 13.98
C PHE D 48 19.31 -14.63 13.84
N SER D 49 18.52 -15.67 14.03
CA SER D 49 18.98 -17.01 13.69
C SER D 49 18.22 -17.40 12.44
N ASP D 50 18.85 -17.29 11.28
CA ASP D 50 18.19 -17.69 10.05
C ASP D 50 18.49 -19.15 9.76
N VAL D 51 18.72 -19.92 10.82
CA VAL D 51 19.04 -21.33 10.66
C VAL D 51 18.68 -22.16 11.90
N VAL D 52 18.65 -23.48 11.69
CA VAL D 52 18.31 -24.45 12.72
C VAL D 52 19.53 -25.27 13.12
N SER D 53 20.35 -24.72 13.99
CA SER D 53 21.58 -25.38 14.43
C SER D 53 21.69 -25.38 15.95
N ALA D 54 22.19 -26.49 16.49
CA ALA D 54 22.45 -26.58 17.92
C ALA D 54 23.77 -25.90 18.24
N THR D 55 24.42 -25.36 17.21
CA THR D 55 25.72 -24.72 17.36
C THR D 55 25.59 -23.21 17.23
N GLU D 56 24.97 -22.75 16.15
CA GLU D 56 24.98 -21.32 15.80
C GLU D 56 24.08 -20.46 16.66
N PRO D 57 24.58 -19.28 17.07
CA PRO D 57 23.85 -18.33 17.91
C PRO D 57 23.21 -17.25 17.05
N CYS D 58 22.74 -16.20 17.72
CA CYS D 58 22.09 -15.11 17.02
C CYS D 58 23.12 -14.20 16.38
N LYS D 59 23.32 -14.34 15.07
CA LYS D 59 24.23 -13.43 14.37
C LYS D 59 23.69 -12.00 14.34
N PRO D 60 24.59 -11.03 14.10
CA PRO D 60 24.30 -9.60 14.11
C PRO D 60 23.68 -9.14 12.79
N CYS D 61 22.63 -8.33 12.88
CA CYS D 61 21.89 -7.88 11.71
C CYS D 61 22.75 -7.12 10.73
N THR D 62 22.88 -7.64 9.51
CA THR D 62 23.62 -6.93 8.47
C THR D 62 23.22 -5.45 8.45
N GLU D 63 24.22 -4.57 8.47
CA GLU D 63 23.94 -3.13 8.44
C GLU D 63 24.13 -2.58 7.03
N CYS D 64 23.40 -1.51 6.71
CA CYS D 64 23.51 -0.92 5.39
C CYS D 64 24.30 0.37 5.45
N LEU D 65 25.35 0.49 4.63
CA LEU D 65 26.07 1.78 4.57
C LEU D 65 26.57 2.29 3.23
N GLY D 66 26.50 3.61 3.15
CA GLY D 66 26.95 4.35 1.99
C GLY D 66 25.88 4.19 0.94
N LEU D 67 26.20 3.46 -0.13
CA LEU D 67 25.24 3.15 -1.17
C LEU D 67 24.39 1.90 -0.85
N GLN D 68 24.71 1.26 0.25
CA GLN D 68 23.84 0.23 0.77
C GLN D 68 22.58 0.89 1.33
N SER D 69 21.51 0.78 0.57
CA SER D 69 20.19 1.13 1.07
C SER D 69 19.48 -0.17 1.37
N MET D 70 18.59 -0.15 2.36
CA MET D 70 17.89 -1.38 2.78
C MET D 70 16.77 -1.81 1.85
N SER D 71 16.68 -3.11 1.60
CA SER D 71 15.58 -3.68 0.83
C SER D 71 14.65 -4.48 1.74
N ALA D 72 15.24 -5.31 2.60
CA ALA D 72 14.48 -6.09 3.57
C ALA D 72 15.09 -5.84 4.92
N PRO D 73 14.26 -5.49 5.91
CA PRO D 73 14.69 -5.29 7.30
C PRO D 73 15.10 -6.59 7.99
N CYS D 74 15.86 -6.48 9.08
CA CYS D 74 16.35 -7.66 9.78
C CYS D 74 15.44 -8.09 10.91
N VAL D 75 15.07 -9.37 10.90
CA VAL D 75 14.17 -9.93 11.87
C VAL D 75 14.77 -11.22 12.39
N GLU D 76 14.31 -11.70 13.54
CA GLU D 76 14.87 -12.94 14.12
C GLU D 76 14.91 -14.05 13.10
N ALA D 77 13.85 -14.18 12.33
CA ALA D 77 13.77 -15.26 11.36
C ALA D 77 14.75 -15.10 10.20
N ASP D 78 14.99 -13.85 9.78
CA ASP D 78 15.80 -13.61 8.59
C ASP D 78 16.61 -12.34 8.70
N ASP D 79 17.80 -12.36 8.10
CA ASP D 79 18.69 -11.21 8.08
C ASP D 79 18.15 -10.14 7.12
N ALA D 80 18.48 -8.88 7.42
CA ALA D 80 18.16 -7.76 6.56
C ALA D 80 18.98 -7.82 5.27
N VAL D 81 18.34 -7.48 4.14
CA VAL D 81 19.06 -7.43 2.87
C VAL D 81 19.20 -5.99 2.39
N CYS D 82 20.43 -5.60 2.04
CA CYS D 82 20.68 -4.30 1.45
C CYS D 82 20.76 -4.41 -0.08
N ARG D 83 20.54 -3.29 -0.76
CA ARG D 83 20.75 -3.23 -2.20
C ARG D 83 21.15 -1.83 -2.62
N CYS D 84 21.49 -1.68 -3.89
CA CYS D 84 22.01 -0.42 -4.34
C CYS D 84 21.02 0.70 -4.12
N ALA D 85 21.54 1.91 -3.90
CA ALA D 85 20.70 3.05 -3.56
C ALA D 85 19.84 3.44 -4.74
N TYR D 86 18.83 4.28 -4.50
CA TYR D 86 17.87 4.62 -5.54
C TYR D 86 18.55 4.82 -6.88
N GLY D 87 19.62 5.59 -6.87
CA GLY D 87 20.25 6.01 -8.11
C GLY D 87 20.99 4.95 -8.92
N TYR D 88 21.45 3.89 -8.25
CA TYR D 88 22.49 3.04 -8.80
C TYR D 88 22.08 1.60 -8.93
N TYR D 89 22.98 0.80 -9.49
CA TYR D 89 22.78 -0.63 -9.64
C TYR D 89 24.06 -1.34 -9.24
N GLN D 90 23.95 -2.62 -8.87
CA GLN D 90 25.12 -3.41 -8.53
C GLN D 90 25.86 -3.82 -9.81
N ASP D 91 27.15 -3.49 -9.87
CA ASP D 91 27.98 -3.76 -11.04
C ASP D 91 28.63 -5.15 -10.98
N GLU D 92 28.28 -6.01 -11.93
CA GLU D 92 28.73 -7.41 -11.93
C GLU D 92 30.23 -7.55 -12.07
N GLU D 93 30.89 -6.45 -12.44
CA GLU D 93 32.32 -6.45 -12.66
C GLU D 93 33.07 -5.49 -11.75
N THR D 94 32.35 -4.81 -10.86
CA THR D 94 32.97 -3.92 -9.87
C THR D 94 32.57 -4.23 -8.42
N GLY D 95 31.60 -5.14 -8.27
CA GLY D 95 31.07 -5.47 -6.97
C GLY D 95 30.68 -4.24 -6.19
N HIS D 96 30.72 -3.09 -6.87
CA HIS D 96 30.43 -1.81 -6.24
C HIS D 96 29.18 -1.17 -6.86
N CYS D 97 28.50 -0.34 -6.08
CA CYS D 97 27.31 0.37 -6.55
C CYS D 97 27.65 1.52 -7.49
N GLU D 98 27.50 1.31 -8.81
CA GLU D 98 27.67 2.40 -9.78
C GLU D 98 26.31 2.98 -10.16
N ALA D 99 26.29 4.26 -10.54
CA ALA D 99 25.03 4.98 -10.78
C ALA D 99 24.36 4.75 -12.16
N CYS D 100 23.03 4.72 -12.17
CA CYS D 100 22.27 4.45 -13.38
C CYS D 100 22.60 5.48 -14.44
N SER D 101 23.01 5.01 -15.61
CA SER D 101 23.22 5.93 -16.72
C SER D 101 21.85 6.48 -17.15
N VAL D 102 21.80 7.77 -17.47
CA VAL D 102 20.54 8.40 -17.87
C VAL D 102 20.24 8.27 -19.37
N CYS D 103 18.98 8.48 -19.73
CA CYS D 103 18.58 8.41 -21.12
C CYS D 103 18.57 9.80 -21.69
N GLU D 104 19.65 10.09 -22.41
CA GLU D 104 19.94 11.43 -22.88
C GLU D 104 18.87 11.88 -23.83
N VAL D 105 18.78 13.19 -24.02
CA VAL D 105 17.91 13.73 -25.04
C VAL D 105 17.98 12.92 -26.35
N GLY D 106 16.94 12.98 -27.17
CA GLY D 106 16.86 12.12 -28.32
C GLY D 106 16.81 10.66 -27.92
N SER D 107 16.76 10.40 -26.62
CA SER D 107 16.63 9.03 -26.15
C SER D 107 15.73 8.88 -24.92
N GLY D 108 15.11 7.73 -24.85
CA GLY D 108 14.14 7.50 -23.80
C GLY D 108 14.44 6.25 -23.03
N LEU D 109 13.63 6.05 -22.01
CA LEU D 109 13.80 4.95 -21.09
C LEU D 109 13.25 3.72 -21.73
N VAL D 110 13.81 2.56 -21.45
CA VAL D 110 13.11 1.35 -21.85
C VAL D 110 12.88 0.39 -20.70
N PHE D 111 13.95 -0.09 -20.06
CA PHE D 111 13.82 -0.81 -18.79
C PHE D 111 14.54 0.04 -17.76
N SER D 112 14.02 0.10 -16.55
CA SER D 112 14.58 1.05 -15.60
C SER D 112 15.85 0.49 -14.95
N CYS D 113 16.45 1.28 -14.08
CA CYS D 113 17.67 0.85 -13.40
C CYS D 113 17.39 0.04 -12.13
N GLN D 114 17.33 -1.29 -12.28
CA GLN D 114 17.05 -2.18 -11.15
C GLN D 114 18.30 -2.49 -10.33
N ASP D 115 18.15 -3.41 -9.38
CA ASP D 115 19.23 -3.77 -8.46
C ASP D 115 20.52 -4.17 -9.18
N LYS D 116 20.39 -5.01 -10.19
CA LYS D 116 21.54 -5.59 -10.88
C LYS D 116 21.64 -5.11 -12.34
N GLN D 117 20.61 -4.38 -12.76
CA GLN D 117 20.41 -3.97 -14.15
C GLN D 117 20.51 -2.46 -14.35
N ASN D 118 21.47 -2.01 -15.15
CA ASN D 118 21.56 -0.59 -15.47
C ASN D 118 20.46 -0.10 -16.44
N THR D 119 20.17 1.19 -16.40
CA THR D 119 19.21 1.83 -17.32
C THR D 119 19.40 1.26 -18.71
N VAL D 120 18.28 1.08 -19.41
CA VAL D 120 18.33 0.62 -20.79
C VAL D 120 17.59 1.65 -21.61
N CYS D 121 18.32 2.47 -22.35
CA CYS D 121 17.67 3.52 -23.11
C CYS D 121 17.40 3.04 -24.51
N GLU D 122 16.79 3.92 -25.31
CA GLU D 122 16.50 3.59 -26.69
C GLU D 122 16.50 4.88 -27.50
N GLU D 123 17.03 4.80 -28.71
CA GLU D 123 17.00 5.97 -29.53
C GLU D 123 15.56 6.21 -29.92
N CYS D 124 15.05 7.37 -29.53
CA CYS D 124 13.69 7.76 -29.88
C CYS D 124 13.41 7.49 -31.35
N PRO D 125 12.55 6.48 -31.63
CA PRO D 125 12.21 6.06 -33.01
C PRO D 125 11.41 7.09 -33.81
N GLU D 126 11.02 6.72 -35.02
CA GLU D 126 10.26 7.64 -35.84
C GLU D 126 9.03 8.08 -35.09
N GLY D 127 8.88 9.40 -34.89
CA GLY D 127 7.66 9.96 -34.31
C GLY D 127 7.63 10.21 -32.81
N THR D 128 8.77 10.03 -32.14
CA THR D 128 8.84 10.25 -30.71
C THR D 128 9.96 11.23 -30.38
N TYR D 129 10.14 11.56 -29.11
CA TYR D 129 11.22 12.48 -28.73
C TYR D 129 11.55 12.48 -27.21
N SER D 130 12.73 12.99 -26.83
CA SER D 130 13.10 13.11 -25.40
C SER D 130 13.33 14.58 -24.97
N ASP D 131 12.50 15.06 -24.07
CA ASP D 131 12.67 16.41 -23.51
C ASP D 131 14.05 16.51 -22.91
N GLU D 132 14.34 15.63 -21.97
CA GLU D 132 15.57 15.70 -21.20
C GLU D 132 16.25 14.36 -21.09
N ALA D 133 17.30 14.36 -20.29
CA ALA D 133 18.09 13.16 -20.04
C ALA D 133 18.00 12.78 -18.58
N ASN D 134 17.34 11.66 -18.34
CA ASN D 134 17.12 11.12 -17.00
C ASN D 134 16.80 9.66 -17.17
N HIS D 135 16.71 8.93 -16.08
CA HIS D 135 16.48 7.50 -16.15
C HIS D 135 15.02 7.23 -15.83
N VAL D 136 14.15 8.22 -16.10
CA VAL D 136 12.70 8.12 -15.79
C VAL D 136 11.71 8.29 -16.95
N ASP D 137 11.94 9.27 -17.82
CA ASP D 137 11.04 9.51 -18.94
C ASP D 137 11.40 8.60 -20.08
N PRO D 138 10.40 8.12 -20.80
CA PRO D 138 10.58 7.33 -22.01
C PRO D 138 10.36 8.25 -23.19
N CYS D 139 10.32 7.69 -24.39
CA CYS D 139 10.09 8.51 -25.56
C CYS D 139 8.63 8.83 -25.62
N LEU D 140 8.29 10.10 -25.84
CA LEU D 140 6.89 10.48 -26.02
C LEU D 140 6.58 10.71 -27.48
N PRO D 141 5.31 10.52 -27.87
CA PRO D 141 4.80 10.73 -29.22
C PRO D 141 4.72 12.22 -29.51
N CYS D 142 4.86 12.58 -30.79
CA CYS D 142 4.96 13.97 -31.16
C CYS D 142 3.58 14.54 -31.41
N THR D 143 3.36 15.80 -31.01
CA THR D 143 2.12 16.52 -31.32
C THR D 143 1.91 16.47 -32.82
N VAL D 144 0.67 16.64 -33.30
CA VAL D 144 0.46 16.60 -34.75
C VAL D 144 -0.21 17.82 -35.38
N CYS D 145 -0.34 18.90 -34.61
CA CYS D 145 -0.92 20.14 -35.11
C CYS D 145 -2.32 19.93 -35.65
N GLU D 146 -2.69 20.73 -36.64
CA GLU D 146 -3.99 20.61 -37.28
C GLU D 146 -4.06 21.48 -38.52
N ASP D 147 -5.27 21.59 -39.08
CA ASP D 147 -5.50 22.44 -40.23
C ASP D 147 -5.22 23.90 -39.89
N THR D 148 -5.91 24.40 -38.86
CA THR D 148 -5.52 25.67 -38.26
C THR D 148 -4.24 25.42 -37.51
N GLU D 149 -3.76 26.41 -36.78
CA GLU D 149 -2.54 26.22 -36.03
C GLU D 149 -1.39 25.88 -37.01
N ARG D 150 -0.88 26.91 -37.67
CA ARG D 150 0.23 26.74 -38.62
C ARG D 150 1.42 26.00 -37.99
N GLN D 151 2.00 25.05 -38.73
CA GLN D 151 3.10 24.25 -38.18
C GLN D 151 4.41 25.02 -38.17
N LEU D 152 4.99 25.18 -36.98
CA LEU D 152 6.19 26.01 -36.82
C LEU D 152 7.48 25.19 -36.75
N ARG D 153 7.66 24.48 -35.63
CA ARG D 153 8.73 23.53 -35.47
C ARG D 153 8.22 22.14 -35.83
N GLU D 154 8.96 21.42 -36.67
CA GLU D 154 8.59 20.05 -36.95
C GLU D 154 9.20 19.17 -35.85
N CYS D 155 8.72 17.93 -35.76
CA CYS D 155 9.14 17.07 -34.67
C CYS D 155 10.45 16.36 -34.97
N THR D 156 11.39 16.52 -34.05
CA THR D 156 12.74 15.95 -34.15
C THR D 156 12.95 14.89 -33.11
N PRO D 157 13.79 13.91 -33.42
CA PRO D 157 14.07 12.88 -32.41
C PRO D 157 14.42 13.47 -31.01
N TRP D 158 14.55 14.79 -30.87
CA TRP D 158 14.95 15.37 -29.58
C TRP D 158 14.04 16.47 -29.10
N ALA D 159 13.13 16.95 -29.95
CA ALA D 159 12.17 17.94 -29.48
C ALA D 159 10.81 17.84 -30.18
N ASP D 160 9.75 17.97 -29.38
CA ASP D 160 8.37 17.93 -29.88
C ASP D 160 8.16 18.96 -30.97
N ALA D 161 7.08 18.83 -31.73
CA ALA D 161 6.69 19.84 -32.70
C ALA D 161 5.99 21.02 -32.00
N GLU D 162 5.80 22.12 -32.72
CA GLU D 162 5.11 23.27 -32.13
C GLU D 162 4.09 23.91 -33.07
N CYS D 163 2.93 24.27 -32.54
CA CYS D 163 1.91 24.94 -33.36
C CYS D 163 0.89 25.75 -32.54
N GLU D 164 -0.04 26.43 -33.22
CA GLU D 164 -1.25 27.00 -32.60
C GLU D 164 -1.94 28.05 -33.47
#